data_3EX2
#
_entry.id   3EX2
#
_cell.length_a   69.390
_cell.length_b   61.660
_cell.length_c   70.220
_cell.angle_alpha   90.00
_cell.angle_beta   113.16
_cell.angle_gamma   90.00
#
_symmetry.space_group_name_H-M   'P 1 21 1'
#
loop_
_entity.id
_entity.type
_entity.pdbx_description
1 polymer "Orotidine-5'-phosphate decarboxylase"
2 non-polymer "6-cyanouridine 5'-phosphate"
3 non-polymer GLYCEROL
4 water water
#
_entity_poly.entity_id   1
_entity_poly.type   'polypeptide(L)'
_entity_poly.pdbx_seq_one_letter_code
;GAMELSFGARAELPRIHPVASKLLRLMQKKETNLCLSADVSLARELLQLADALGPSICMLKTHVDILNDFTLDVMKELIT
LAKCHEFLIFEDRKFADIGNTVKKQYEGGIFKIASWADLVNAHVVPGSGVVKGLQEVGLPLHRGCLLIAEMSSTGSLATG
DYTRAAVRMAEEHSEFVVGFISGSRVSMKPEFLHLTPGVQLEAGGDNLGQQYNSPQEVIGKRGSDIIIVGRGIISAADRL
EAAEMYRKAAWEAYLSRLGV
;
_entity_poly.pdbx_strand_id   A,B
#
loop_
_chem_comp.id
_chem_comp.type
_chem_comp.name
_chem_comp.formula
6CN non-polymer '6-cyanouridine 5'-phosphate' 'C10 H12 N3 O9 P'
GOL non-polymer GLYCEROL 'C3 H8 O3'
#
# COMPACT_ATOMS: atom_id res chain seq x y z
N MET A 3 -1.45 26.62 -24.63
CA MET A 3 -2.56 26.00 -25.42
C MET A 3 -2.63 24.47 -25.23
N GLU A 4 -3.87 24.00 -25.05
CA GLU A 4 -4.19 22.59 -24.79
C GLU A 4 -3.98 21.74 -26.06
N LEU A 5 -3.22 20.65 -25.97
CA LEU A 5 -3.03 19.74 -27.07
C LEU A 5 -4.01 18.58 -26.96
N SER A 6 -4.45 18.03 -28.09
CA SER A 6 -5.27 16.81 -28.12
C SER A 6 -4.50 15.62 -27.53
N PHE A 7 -5.21 14.57 -27.14
CA PHE A 7 -4.53 13.37 -26.66
C PHE A 7 -3.60 12.85 -27.78
N GLY A 8 -4.06 12.89 -29.03
CA GLY A 8 -3.26 12.36 -30.16
C GLY A 8 -1.98 13.15 -30.36
N ALA A 9 -2.04 14.47 -30.16
CA ALA A 9 -0.84 15.29 -30.23
C ALA A 9 0.08 15.02 -29.05
N ARG A 10 -0.48 14.88 -27.83
CA ARG A 10 0.35 14.62 -26.68
C ARG A 10 1.11 13.28 -26.81
N ALA A 11 0.49 12.31 -27.50
CA ALA A 11 1.08 10.97 -27.75
C ALA A 11 2.36 11.07 -28.56
N GLU A 12 2.57 12.21 -29.22
CA GLU A 12 3.74 12.36 -30.12
C GLU A 12 4.77 13.30 -29.52
N LEU A 13 4.56 13.83 -28.31
CA LEU A 13 5.49 14.76 -27.72
C LEU A 13 6.86 14.12 -27.56
N PRO A 14 7.93 14.87 -27.86
CA PRO A 14 9.27 14.30 -27.80
C PRO A 14 9.64 13.57 -26.50
N ARG A 15 9.23 14.14 -25.36
CA ARG A 15 9.52 13.59 -24.03
C ARG A 15 8.46 12.66 -23.47
N ILE A 16 7.49 12.30 -24.28
CA ILE A 16 6.42 11.36 -23.87
C ILE A 16 7.00 9.96 -23.57
N HIS A 17 6.49 9.35 -22.51
CA HIS A 17 6.88 8.00 -22.15
C HIS A 17 6.13 7.04 -23.07
N PRO A 18 6.79 5.96 -23.53
CA PRO A 18 6.07 5.06 -24.42
C PRO A 18 4.72 4.49 -23.94
N VAL A 19 4.58 4.25 -22.64
CA VAL A 19 3.32 3.71 -22.11
C VAL A 19 2.26 4.81 -22.22
N ALA A 20 2.63 6.02 -21.87
CA ALA A 20 1.70 7.15 -21.99
C ALA A 20 1.30 7.36 -23.43
N SER A 21 2.24 7.20 -24.36
CA SER A 21 1.96 7.39 -25.78
C SER A 21 0.98 6.36 -26.31
N LYS A 22 1.17 5.09 -25.93
CA LYS A 22 0.26 4.02 -26.31
C LYS A 22 -1.17 4.30 -25.79
N LEU A 23 -1.22 4.75 -24.54
CA LEU A 23 -2.52 5.05 -23.88
C LEU A 23 -3.19 6.22 -24.61
N LEU A 24 -2.46 7.30 -24.83
CA LEU A 24 -3.03 8.47 -25.49
C LEU A 24 -3.52 8.18 -26.89
N ARG A 25 -2.77 7.38 -27.65
CA ARG A 25 -3.20 6.99 -28.99
CA ARG A 25 -3.20 7.00 -28.99
C ARG A 25 -4.51 6.24 -28.97
N LEU A 26 -4.65 5.29 -28.05
CA LEU A 26 -5.88 4.51 -28.02
C LEU A 26 -7.07 5.33 -27.48
N MET A 27 -6.82 6.27 -26.60
CA MET A 27 -7.90 7.15 -26.12
C MET A 27 -8.45 7.92 -27.30
N GLN A 28 -7.56 8.52 -28.08
CA GLN A 28 -7.98 9.24 -29.28
C GLN A 28 -8.70 8.33 -30.30
N LYS A 29 -8.15 7.16 -30.58
CA LYS A 29 -8.76 6.24 -31.52
C LYS A 29 -10.17 5.82 -31.13
N LYS A 30 -10.36 5.50 -29.86
CA LYS A 30 -11.60 4.92 -29.37
C LYS A 30 -12.56 5.95 -28.83
N GLU A 31 -12.10 7.18 -28.73
CA GLU A 31 -12.88 8.28 -28.11
C GLU A 31 -13.31 7.90 -26.70
N THR A 32 -12.32 7.47 -25.91
CA THR A 32 -12.55 7.15 -24.52
C THR A 32 -11.40 7.60 -23.61
N ASN A 33 -11.78 8.31 -22.55
CA ASN A 33 -10.93 8.65 -21.45
C ASN A 33 -11.48 8.11 -20.13
N LEU A 34 -12.07 6.93 -20.22
CA LEU A 34 -12.70 6.23 -19.08
C LEU A 34 -11.81 5.05 -18.69
N CYS A 35 -11.48 4.99 -17.42
CA CYS A 35 -10.78 3.82 -16.81
C CYS A 35 -11.79 3.13 -15.89
N LEU A 36 -12.06 1.87 -16.16
CA LEU A 36 -12.96 1.10 -15.35
C LEU A 36 -12.23 0.53 -14.17
N SER A 37 -12.73 0.81 -12.97
CA SER A 37 -12.24 0.17 -11.75
C SER A 37 -13.01 -1.15 -11.53
N ALA A 38 -12.35 -2.28 -11.79
CA ALA A 38 -12.99 -3.60 -11.80
C ALA A 38 -12.80 -4.25 -10.44
N ASP A 39 -13.48 -3.73 -9.44
CA ASP A 39 -13.32 -4.17 -8.05
C ASP A 39 -14.21 -5.37 -7.75
N VAL A 40 -13.79 -6.52 -8.24
CA VAL A 40 -14.55 -7.75 -8.14
C VAL A 40 -13.71 -8.81 -7.46
N SER A 41 -14.37 -9.83 -6.90
CA SER A 41 -13.67 -10.87 -6.15
C SER A 41 -13.42 -12.18 -6.91
N LEU A 42 -13.98 -12.32 -8.12
CA LEU A 42 -13.87 -13.52 -8.92
C LEU A 42 -13.22 -13.25 -10.27
N ALA A 43 -12.28 -14.12 -10.64
CA ALA A 43 -11.65 -14.04 -11.94
C ALA A 43 -12.68 -14.00 -13.08
N ARG A 44 -13.70 -14.86 -13.03
CA ARG A 44 -14.66 -14.92 -14.12
CA ARG A 44 -14.72 -14.92 -14.08
C ARG A 44 -15.36 -13.55 -14.29
N GLU A 45 -15.63 -12.84 -13.19
CA GLU A 45 -16.30 -11.52 -13.24
C GLU A 45 -15.36 -10.47 -13.85
N LEU A 46 -14.10 -10.51 -13.43
CA LEU A 46 -13.10 -9.61 -13.99
C LEU A 46 -13.00 -9.76 -15.50
N LEU A 47 -12.88 -11.00 -15.97
CA LEU A 47 -12.75 -11.25 -17.39
C LEU A 47 -14.05 -10.94 -18.14
N GLN A 48 -15.21 -11.25 -17.55
CA GLN A 48 -16.49 -10.90 -18.18
C GLN A 48 -16.64 -9.36 -18.34
N LEU A 49 -16.26 -8.60 -17.32
CA LEU A 49 -16.38 -7.16 -17.41
C LEU A 49 -15.39 -6.59 -18.41
N ALA A 50 -14.13 -7.07 -18.37
CA ALA A 50 -13.10 -6.66 -19.31
C ALA A 50 -13.57 -6.88 -20.75
N ASP A 51 -14.18 -8.04 -21.01
CA ASP A 51 -14.62 -8.36 -22.40
C ASP A 51 -15.83 -7.46 -22.79
N ALA A 52 -16.81 -7.34 -21.92
CA ALA A 52 -18.06 -6.64 -22.27
C ALA A 52 -17.81 -5.14 -22.40
N LEU A 53 -16.98 -4.65 -21.51
CA LEU A 53 -16.80 -3.19 -21.43
C LEU A 53 -15.51 -2.67 -22.09
N GLY A 54 -14.63 -3.57 -22.51
CA GLY A 54 -13.38 -3.20 -23.16
C GLY A 54 -13.49 -2.18 -24.29
N PRO A 55 -14.50 -2.29 -25.17
CA PRO A 55 -14.66 -1.33 -26.26
C PRO A 55 -14.88 0.12 -25.76
N SER A 56 -15.39 0.28 -24.55
CA SER A 56 -15.72 1.59 -24.01
C SER A 56 -14.65 2.24 -23.16
N ILE A 57 -13.55 1.55 -22.84
CA ILE A 57 -12.58 2.01 -21.88
C ILE A 57 -11.18 2.14 -22.46
N CYS A 58 -10.39 3.05 -21.90
CA CYS A 58 -8.98 3.19 -22.27
C CYS A 58 -8.09 2.35 -21.36
N MET A 59 -8.65 1.92 -20.24
CA MET A 59 -7.87 1.31 -19.19
C MET A 59 -8.79 0.52 -18.28
N LEU A 60 -8.24 -0.56 -17.74
CA LEU A 60 -8.88 -1.36 -16.71
CA LEU A 60 -8.87 -1.34 -16.70
C LEU A 60 -7.97 -1.33 -15.47
N LYS A 61 -8.53 -0.87 -14.35
CA LYS A 61 -7.83 -0.80 -13.10
C LYS A 61 -8.21 -1.98 -12.25
N THR A 62 -7.20 -2.72 -11.81
CA THR A 62 -7.38 -3.94 -11.02
C THR A 62 -6.95 -3.75 -9.57
N HIS A 63 -7.55 -4.54 -8.68
CA HIS A 63 -7.00 -4.80 -7.34
C HIS A 63 -6.84 -6.32 -7.28
N VAL A 64 -5.69 -6.82 -7.71
CA VAL A 64 -5.50 -8.25 -7.81
CA VAL A 64 -5.49 -8.24 -7.81
C VAL A 64 -5.52 -8.92 -6.44
N ASP A 65 -5.23 -8.17 -5.38
CA ASP A 65 -5.22 -8.71 -4.03
C ASP A 65 -6.61 -8.92 -3.46
N ILE A 66 -7.68 -8.61 -4.19
CA ILE A 66 -9.06 -8.93 -3.79
CA ILE A 66 -9.03 -9.01 -3.73
C ILE A 66 -9.63 -10.14 -4.56
N LEU A 67 -8.88 -10.65 -5.54
CA LEU A 67 -9.37 -11.76 -6.39
CA LEU A 67 -9.35 -11.74 -6.41
C LEU A 67 -9.17 -13.05 -5.64
N ASN A 68 -10.26 -13.73 -5.34
CA ASN A 68 -10.20 -14.95 -4.55
C ASN A 68 -9.50 -16.09 -5.25
N ASP A 69 -9.51 -16.06 -6.58
CA ASP A 69 -8.98 -17.12 -7.43
C ASP A 69 -7.97 -16.60 -8.46
N PHE A 70 -7.17 -15.61 -8.04
CA PHE A 70 -6.08 -15.18 -8.87
C PHE A 70 -5.15 -16.32 -9.27
N THR A 71 -4.77 -16.33 -10.54
CA THR A 71 -3.61 -17.08 -11.02
C THR A 71 -2.97 -16.26 -12.13
N LEU A 72 -1.75 -16.62 -12.47
CA LEU A 72 -1.10 -15.95 -13.58
C LEU A 72 -1.75 -16.27 -14.93
N ASP A 73 -2.44 -17.41 -15.03
CA ASP A 73 -3.21 -17.69 -16.26
C ASP A 73 -4.37 -16.73 -16.45
N VAL A 74 -5.01 -16.32 -15.34
CA VAL A 74 -6.07 -15.31 -15.40
C VAL A 74 -5.48 -14.03 -15.99
N MET A 75 -4.27 -13.65 -15.57
CA MET A 75 -3.66 -12.44 -16.11
CA MET A 75 -3.60 -12.45 -16.12
C MET A 75 -3.27 -12.60 -17.60
N LYS A 76 -2.76 -13.77 -18.01
CA LYS A 76 -2.51 -14.01 -19.43
CA LYS A 76 -2.51 -14.02 -19.44
C LYS A 76 -3.79 -13.73 -20.25
N GLU A 77 -4.91 -14.24 -19.75
CA GLU A 77 -6.19 -14.05 -20.43
CA GLU A 77 -6.17 -14.05 -20.46
C GLU A 77 -6.66 -12.60 -20.42
N LEU A 78 -6.44 -11.91 -19.32
CA LEU A 78 -6.79 -10.49 -19.25
C LEU A 78 -5.97 -9.69 -20.27
N ILE A 79 -4.67 -10.01 -20.40
CA ILE A 79 -3.84 -9.39 -21.39
C ILE A 79 -4.36 -9.63 -22.82
N THR A 80 -4.83 -10.86 -23.07
CA THR A 80 -5.41 -11.16 -24.37
C THR A 80 -6.59 -10.21 -24.64
N LEU A 81 -7.45 -10.02 -23.64
CA LEU A 81 -8.57 -9.07 -23.78
C LEU A 81 -8.14 -7.63 -23.97
N ALA A 82 -7.11 -7.24 -23.26
CA ALA A 82 -6.56 -5.89 -23.34
C ALA A 82 -6.02 -5.62 -24.74
N LYS A 83 -5.37 -6.63 -25.33
CA LYS A 83 -4.78 -6.44 -26.63
C LYS A 83 -5.88 -6.45 -27.72
N CYS A 84 -6.91 -7.26 -27.54
CA CYS A 84 -8.01 -7.37 -28.48
C CYS A 84 -8.86 -6.09 -28.51
N HIS A 85 -9.32 -5.66 -27.33
CA HIS A 85 -10.16 -4.49 -27.22
C HIS A 85 -9.38 -3.16 -27.17
N GLU A 86 -8.07 -3.23 -26.97
CA GLU A 86 -7.20 -2.09 -26.86
C GLU A 86 -7.44 -1.23 -25.62
N PHE A 87 -6.97 -1.74 -24.50
CA PHE A 87 -6.94 -0.93 -23.26
C PHE A 87 -5.71 -1.33 -22.48
N LEU A 88 -5.24 -0.46 -21.60
CA LEU A 88 -4.11 -0.78 -20.73
C LEU A 88 -4.58 -1.34 -19.42
N ILE A 89 -3.68 -2.05 -18.73
CA ILE A 89 -3.95 -2.64 -17.43
C ILE A 89 -3.17 -1.88 -16.36
N PHE A 90 -3.92 -1.41 -15.37
CA PHE A 90 -3.36 -0.60 -14.29
C PHE A 90 -3.66 -1.30 -12.99
N GLU A 91 -2.61 -1.76 -12.30
CA GLU A 91 -2.79 -2.42 -11.03
C GLU A 91 -2.66 -1.37 -9.95
N ASP A 92 -3.75 -1.17 -9.22
CA ASP A 92 -3.85 -0.13 -8.18
C ASP A 92 -3.29 -0.61 -6.85
N ARG A 93 -1.98 -0.90 -6.83
CA ARG A 93 -1.30 -1.46 -5.70
C ARG A 93 -0.93 -0.45 -4.63
N LYS A 94 -0.84 0.81 -5.03
CA LYS A 94 -0.44 1.86 -4.09
C LYS A 94 0.84 1.50 -3.27
N PHE A 95 1.92 1.20 -3.98
CA PHE A 95 3.20 0.90 -3.34
C PHE A 95 3.54 2.06 -2.41
N ALA A 96 3.99 1.72 -1.22
CA ALA A 96 4.16 2.73 -0.17
C ALA A 96 5.19 2.35 0.88
N ASP A 97 6.21 1.62 0.46
CA ASP A 97 7.26 1.12 1.37
C ASP A 97 8.60 1.69 0.92
N ILE A 98 9.63 1.32 1.65
CA ILE A 98 10.98 1.67 1.29
C ILE A 98 11.34 1.03 -0.06
N GLY A 99 12.27 1.67 -0.78
CA GLY A 99 12.71 1.18 -2.07
C GLY A 99 13.05 -0.31 -2.16
N ASN A 100 13.81 -0.81 -1.20
CA ASN A 100 14.27 -2.21 -1.24
C ASN A 100 13.09 -3.20 -1.21
N THR A 101 12.05 -2.83 -0.46
CA THR A 101 10.87 -3.67 -0.35
C THR A 101 9.94 -3.58 -1.55
N VAL A 102 9.61 -2.38 -2.04
CA VAL A 102 8.70 -2.26 -3.16
C VAL A 102 9.26 -2.97 -4.39
N LYS A 103 10.58 -3.04 -4.56
CA LYS A 103 11.08 -3.70 -5.74
C LYS A 103 10.66 -5.18 -5.77
N LYS A 104 10.72 -5.83 -4.62
CA LYS A 104 10.30 -7.21 -4.50
C LYS A 104 8.78 -7.37 -4.61
N GLN A 105 8.03 -6.45 -4.01
CA GLN A 105 6.57 -6.47 -4.10
C GLN A 105 6.02 -6.32 -5.54
N TYR A 106 6.79 -5.64 -6.38
CA TYR A 106 6.44 -5.33 -7.76
C TYR A 106 6.83 -6.47 -8.67
N GLU A 107 8.04 -7.04 -8.49
CA GLU A 107 8.50 -8.16 -9.35
C GLU A 107 8.00 -9.52 -8.94
N GLY A 108 7.82 -9.75 -7.66
CA GLY A 108 7.85 -11.12 -7.12
C GLY A 108 6.56 -11.54 -6.48
N GLY A 109 6.68 -12.48 -5.54
CA GLY A 109 5.54 -13.03 -4.83
C GLY A 109 4.66 -13.79 -5.77
N ILE A 110 3.43 -14.04 -5.34
CA ILE A 110 2.48 -14.79 -6.16
C ILE A 110 1.96 -13.92 -7.34
N PHE A 111 1.83 -12.61 -7.15
CA PHE A 111 1.17 -11.77 -8.15
C PHE A 111 2.02 -11.37 -9.34
N LYS A 112 3.33 -11.31 -9.16
CA LYS A 112 4.26 -10.90 -10.21
C LYS A 112 3.69 -9.72 -11.02
N ILE A 113 3.38 -8.64 -10.29
CA ILE A 113 2.64 -7.55 -10.89
C ILE A 113 3.32 -6.97 -12.14
N ALA A 114 4.63 -6.74 -12.07
CA ALA A 114 5.36 -6.15 -13.21
C ALA A 114 5.27 -7.00 -14.49
N SER A 115 4.94 -8.31 -14.35
CA SER A 115 4.86 -9.19 -15.50
CA SER A 115 4.84 -9.19 -15.49
C SER A 115 3.58 -8.98 -16.34
N TRP A 116 2.59 -8.26 -15.82
CA TRP A 116 1.37 -8.02 -16.55
C TRP A 116 0.78 -6.59 -16.46
N ALA A 117 1.19 -5.77 -15.51
CA ALA A 117 0.57 -4.44 -15.39
C ALA A 117 1.34 -3.39 -16.19
N ASP A 118 0.68 -2.73 -17.14
CA ASP A 118 1.29 -1.69 -17.90
C ASP A 118 1.67 -0.56 -16.93
N LEU A 119 0.72 -0.29 -16.01
CA LEU A 119 0.87 0.80 -15.06
C LEU A 119 0.65 0.30 -13.64
N VAL A 120 1.36 0.92 -12.70
CA VAL A 120 1.10 0.78 -11.28
C VAL A 120 1.11 2.18 -10.69
N ASN A 121 0.75 2.28 -9.44
CA ASN A 121 0.82 3.55 -8.72
C ASN A 121 1.57 3.43 -7.42
N ALA A 122 2.01 4.58 -6.91
CA ALA A 122 2.76 4.63 -5.65
C ALA A 122 2.43 5.88 -4.88
N HIS A 123 2.41 5.72 -3.58
CA HIS A 123 2.37 6.84 -2.63
C HIS A 123 3.76 7.47 -2.54
N VAL A 124 3.79 8.77 -2.31
CA VAL A 124 5.07 9.48 -2.22
C VAL A 124 5.59 9.66 -0.81
N VAL A 125 4.79 9.27 0.19
CA VAL A 125 5.14 9.40 1.60
C VAL A 125 6.52 8.85 1.98
N PRO A 126 7.01 7.75 1.37
CA PRO A 126 8.34 7.27 1.78
C PRO A 126 9.50 8.08 1.28
N GLY A 127 9.23 9.06 0.42
CA GLY A 127 10.32 9.73 -0.30
C GLY A 127 10.68 9.01 -1.58
N SER A 128 11.63 9.57 -2.35
CA SER A 128 11.86 9.12 -3.71
C SER A 128 12.40 7.70 -3.89
N GLY A 129 12.86 7.09 -2.79
CA GLY A 129 13.31 5.71 -2.84
C GLY A 129 12.20 4.77 -3.30
N VAL A 130 10.95 5.15 -3.06
CA VAL A 130 9.83 4.29 -3.55
C VAL A 130 9.87 4.18 -5.08
N VAL A 131 10.09 5.31 -5.75
CA VAL A 131 10.20 5.33 -7.20
C VAL A 131 11.48 4.67 -7.68
N LYS A 132 12.58 4.94 -6.99
CA LYS A 132 13.87 4.33 -7.40
C LYS A 132 13.80 2.83 -7.35
N GLY A 133 13.14 2.30 -6.33
CA GLY A 133 13.04 0.84 -6.19
C GLY A 133 12.17 0.27 -7.27
N LEU A 134 11.02 0.90 -7.48
CA LEU A 134 10.12 0.38 -8.52
C LEU A 134 10.73 0.42 -9.92
N GLN A 135 11.45 1.49 -10.22
CA GLN A 135 11.97 1.68 -11.59
C GLN A 135 13.06 0.65 -11.90
N GLU A 136 13.72 0.11 -10.88
CA GLU A 136 14.71 -0.95 -11.10
C GLU A 136 14.05 -2.16 -11.78
N VAL A 137 12.80 -2.42 -11.45
CA VAL A 137 12.01 -3.49 -12.05
C VAL A 137 11.26 -3.04 -13.30
N GLY A 138 10.66 -1.85 -13.21
CA GLY A 138 9.79 -1.36 -14.22
C GLY A 138 10.46 -0.96 -15.51
N LEU A 139 11.63 -0.36 -15.42
CA LEU A 139 12.27 0.15 -16.63
C LEU A 139 12.64 -0.98 -17.58
N PRO A 140 13.27 -2.08 -17.08
CA PRO A 140 13.56 -3.18 -18.04
C PRO A 140 12.31 -3.75 -18.65
N LEU A 141 11.22 -3.70 -17.90
CA LEU A 141 9.97 -4.29 -18.37
C LEU A 141 9.06 -3.28 -19.10
N HIS A 142 9.61 -2.10 -19.37
CA HIS A 142 8.96 -1.10 -20.24
C HIS A 142 7.64 -0.62 -19.63
N ARG A 143 7.62 -0.51 -18.30
CA ARG A 143 6.39 -0.13 -17.58
C ARG A 143 6.39 1.33 -17.19
N GLY A 144 5.23 1.79 -16.70
CA GLY A 144 5.11 3.12 -16.14
C GLY A 144 4.47 3.15 -14.78
N CYS A 145 4.61 4.29 -14.12
CA CYS A 145 4.10 4.50 -12.77
C CYS A 145 3.36 5.82 -12.68
N LEU A 146 2.32 5.85 -11.85
CA LEU A 146 1.59 7.05 -11.48
C LEU A 146 1.84 7.35 -10.02
N LEU A 147 2.12 8.59 -9.69
CA LEU A 147 2.26 9.00 -8.33
C LEU A 147 0.96 9.57 -7.76
N ILE A 148 0.65 9.19 -6.53
CA ILE A 148 -0.58 9.62 -5.89
C ILE A 148 -0.32 11.02 -5.26
N ALA A 149 -0.80 12.03 -5.98
CA ALA A 149 -0.58 13.44 -5.61
C ALA A 149 -1.69 13.99 -4.72
N GLU A 150 -2.91 13.49 -4.90
CA GLU A 150 -4.07 13.84 -4.10
C GLU A 150 -4.92 12.55 -4.03
N MET A 151 -5.79 12.49 -3.02
CA MET A 151 -6.77 11.38 -2.87
C MET A 151 -8.18 11.92 -2.78
N SER A 152 -9.15 11.07 -3.14
CA SER A 152 -10.55 11.48 -3.20
C SER A 152 -11.26 11.43 -1.83
N SER A 153 -10.66 10.78 -0.84
CA SER A 153 -11.34 10.39 0.40
C SER A 153 -11.30 11.53 1.45
N THR A 154 -12.29 11.49 2.33
CA THR A 154 -12.40 12.54 3.34
CA THR A 154 -12.45 12.49 3.39
C THR A 154 -11.27 12.45 4.35
N GLY A 155 -10.64 13.60 4.60
CA GLY A 155 -9.52 13.69 5.51
C GLY A 155 -8.18 13.38 4.86
N SER A 156 -8.15 13.21 3.54
CA SER A 156 -6.90 12.98 2.84
C SER A 156 -5.83 14.03 3.28
N LEU A 157 -4.62 13.56 3.52
CA LEU A 157 -3.47 14.41 3.91
C LEU A 157 -2.60 14.70 2.67
N ALA A 158 -3.01 14.22 1.50
CA ALA A 158 -2.26 14.46 0.27
C ALA A 158 -2.66 15.83 -0.32
N THR A 159 -2.21 16.88 0.37
CA THR A 159 -2.61 18.21 0.02
C THR A 159 -1.39 19.10 0.15
N GLY A 160 -1.51 20.31 -0.39
CA GLY A 160 -0.45 21.30 -0.16
C GLY A 160 0.96 20.90 -0.53
N ASP A 161 1.88 21.03 0.41
CA ASP A 161 3.28 20.72 0.13
C ASP A 161 3.50 19.22 -0.22
N TYR A 162 2.62 18.35 0.27
CA TYR A 162 2.67 16.90 -0.06
C TYR A 162 2.44 16.74 -1.55
N THR A 163 1.42 17.41 -2.08
CA THR A 163 1.09 17.34 -3.48
C THR A 163 2.24 17.91 -4.28
N ARG A 164 2.77 19.05 -3.85
CA ARG A 164 3.95 19.63 -4.54
C ARG A 164 5.17 18.69 -4.57
N ALA A 165 5.35 17.92 -3.51
CA ALA A 165 6.47 16.95 -3.41
C ALA A 165 6.28 15.83 -4.43
N ALA A 166 5.02 15.39 -4.59
CA ALA A 166 4.69 14.40 -5.61
C ALA A 166 4.99 14.86 -7.03
N VAL A 167 4.65 16.12 -7.33
CA VAL A 167 4.91 16.66 -8.64
C VAL A 167 6.40 16.76 -8.91
N ARG A 168 7.16 17.22 -7.93
CA ARG A 168 8.62 17.29 -8.08
C ARG A 168 9.23 15.90 -8.25
N MET A 169 8.75 14.94 -7.48
CA MET A 169 9.26 13.55 -7.66
C MET A 169 8.98 13.01 -9.07
N ALA A 170 7.83 13.34 -9.61
CA ALA A 170 7.47 12.87 -10.93
C ALA A 170 8.38 13.51 -11.98
N GLU A 171 8.61 14.81 -11.84
CA GLU A 171 9.44 15.54 -12.80
C GLU A 171 10.87 15.04 -12.81
N GLU A 172 11.39 14.63 -11.65
CA GLU A 172 12.76 14.12 -11.52
C GLU A 172 12.91 12.66 -11.92
N HIS A 173 11.78 11.97 -12.09
CA HIS A 173 11.81 10.56 -12.48
C HIS A 173 10.95 10.28 -13.71
N SER A 174 11.03 11.17 -14.69
CA SER A 174 10.14 11.07 -15.84
C SER A 174 10.45 9.91 -16.80
N GLU A 175 11.58 9.21 -16.63
CA GLU A 175 11.77 7.99 -17.40
C GLU A 175 10.83 6.85 -17.03
N PHE A 176 10.28 6.91 -15.83
CA PHE A 176 9.38 5.87 -15.34
C PHE A 176 8.02 6.42 -14.93
N VAL A 177 7.98 7.60 -14.33
CA VAL A 177 6.68 8.17 -13.89
C VAL A 177 5.97 8.86 -15.05
N VAL A 178 4.74 8.45 -15.34
CA VAL A 178 4.04 8.96 -16.49
C VAL A 178 2.89 9.88 -16.12
N GLY A 179 2.67 10.07 -14.82
CA GLY A 179 1.61 10.94 -14.40
C GLY A 179 1.16 10.68 -12.99
N PHE A 180 -0.09 11.10 -12.73
CA PHE A 180 -0.59 11.24 -11.37
C PHE A 180 -1.99 10.70 -11.18
N ILE A 181 -2.21 10.22 -9.97
CA ILE A 181 -3.55 10.07 -9.45
C ILE A 181 -3.77 11.38 -8.68
N SER A 182 -4.81 12.12 -9.08
CA SER A 182 -5.11 13.41 -8.50
C SER A 182 -6.55 13.80 -8.75
N GLY A 183 -7.01 14.81 -8.04
CA GLY A 183 -8.38 15.30 -8.24
C GLY A 183 -8.48 16.37 -9.31
N SER A 184 -7.33 16.92 -9.69
CA SER A 184 -7.24 18.01 -10.67
CA SER A 184 -7.23 18.04 -10.63
C SER A 184 -5.89 17.95 -11.33
N ARG A 185 -5.70 18.77 -12.35
CA ARG A 185 -4.38 18.96 -12.93
C ARG A 185 -3.44 19.52 -11.85
N VAL A 186 -2.28 18.89 -11.66
CA VAL A 186 -1.29 19.34 -10.70
C VAL A 186 0.04 19.70 -11.35
N SER A 187 0.24 19.25 -12.58
CA SER A 187 1.44 19.60 -13.36
C SER A 187 0.99 20.28 -14.62
N MET A 188 1.76 21.29 -15.04
CA MET A 188 1.50 21.93 -16.32
C MET A 188 2.21 21.26 -17.51
N LYS A 189 2.97 20.22 -17.24
CA LYS A 189 3.69 19.55 -18.32
C LYS A 189 2.77 18.58 -19.04
N PRO A 190 2.57 18.75 -20.36
CA PRO A 190 1.58 17.93 -21.07
C PRO A 190 1.96 16.49 -21.26
N GLU A 191 3.22 16.16 -20.95
CA GLU A 191 3.68 14.77 -21.02
C GLU A 191 3.12 13.94 -19.90
N PHE A 192 2.66 14.57 -18.83
CA PHE A 192 2.10 13.81 -17.70
C PHE A 192 0.60 13.57 -17.86
N LEU A 193 0.16 12.38 -17.51
CA LEU A 193 -1.27 12.05 -17.48
C LEU A 193 -1.83 12.39 -16.09
N HIS A 194 -3.10 12.80 -16.04
CA HIS A 194 -3.82 12.94 -14.75
C HIS A 194 -5.03 12.03 -14.73
N LEU A 195 -5.07 11.14 -13.75
CA LEU A 195 -6.20 10.19 -13.63
C LEU A 195 -6.90 10.50 -12.30
N THR A 196 -8.24 10.58 -12.34
CA THR A 196 -9.02 11.02 -11.20
C THR A 196 -10.07 10.02 -10.78
N PRO A 197 -9.88 9.43 -9.58
CA PRO A 197 -10.91 8.57 -9.03
C PRO A 197 -11.88 9.43 -8.19
N GLY A 198 -12.88 8.77 -7.62
CA GLY A 198 -13.96 9.50 -6.90
C GLY A 198 -14.89 10.19 -7.87
N VAL A 199 -15.36 9.45 -8.87
CA VAL A 199 -16.19 10.01 -9.93
C VAL A 199 -17.51 9.25 -10.04
N GLN A 200 -18.60 10.02 -10.04
CA GLN A 200 -19.95 9.52 -10.34
C GLN A 200 -20.73 10.69 -10.96
N LEU A 201 -21.74 10.34 -11.75
CA LEU A 201 -22.61 11.40 -12.33
C LEU A 201 -23.31 12.23 -11.27
N GLU A 202 -23.76 11.57 -10.19
CA GLU A 202 -24.49 12.24 -9.13
C GLU A 202 -23.59 12.57 -7.95
N ALA A 203 -23.99 13.60 -7.21
CA ALA A 203 -23.33 14.02 -5.97
C ALA A 203 -23.43 12.93 -4.91
N GLY A 204 -22.39 12.83 -4.08
CA GLY A 204 -22.46 11.98 -2.94
C GLY A 204 -21.11 11.47 -2.52
N GLY A 205 -21.17 10.34 -1.81
CA GLY A 205 -20.00 9.67 -1.26
C GLY A 205 -20.42 8.27 -0.87
N ASP A 206 -19.56 7.52 -0.18
CA ASP A 206 -20.01 6.27 0.46
C ASP A 206 -19.89 6.46 1.98
N ASN A 207 -20.12 5.46 2.80
CA ASN A 207 -19.99 5.74 4.24
C ASN A 207 -18.65 5.32 4.84
N LEU A 208 -17.63 5.20 3.99
CA LEU A 208 -16.26 4.96 4.44
C LEU A 208 -15.34 5.98 3.82
N GLY A 209 -15.87 7.19 3.62
CA GLY A 209 -15.06 8.34 3.27
C GLY A 209 -14.80 8.61 1.80
N GLN A 210 -15.36 7.81 0.87
CA GLN A 210 -15.21 8.15 -0.55
C GLN A 210 -16.07 9.38 -0.84
N GLN A 211 -15.58 10.27 -1.69
CA GLN A 211 -16.32 11.46 -2.11
C GLN A 211 -16.34 11.52 -3.61
N TYR A 212 -17.47 11.93 -4.19
CA TYR A 212 -17.65 11.94 -5.63
C TYR A 212 -17.77 13.32 -6.24
N ASN A 213 -17.18 13.48 -7.41
CA ASN A 213 -17.40 14.60 -8.29
C ASN A 213 -17.72 14.07 -9.68
N SER A 214 -18.32 14.92 -10.51
CA SER A 214 -18.80 14.50 -11.80
C SER A 214 -17.67 14.52 -12.87
N PRO A 215 -17.86 13.78 -13.96
CA PRO A 215 -16.92 13.86 -15.11
C PRO A 215 -16.73 15.26 -15.63
N GLN A 216 -17.84 15.99 -15.80
CA GLN A 216 -17.69 17.38 -16.26
C GLN A 216 -16.83 18.24 -15.32
N GLU A 217 -17.02 18.10 -13.99
CA GLU A 217 -16.22 18.85 -13.01
C GLU A 217 -14.74 18.49 -13.08
N VAL A 218 -14.44 17.19 -13.11
CA VAL A 218 -13.06 16.78 -12.97
C VAL A 218 -12.26 16.91 -14.29
N ILE A 219 -12.88 16.63 -15.41
CA ILE A 219 -12.22 16.73 -16.73
C ILE A 219 -12.33 18.16 -17.22
N GLY A 220 -13.54 18.70 -17.18
CA GLY A 220 -13.82 20.02 -17.75
C GLY A 220 -13.29 21.16 -16.92
N LYS A 221 -13.66 21.23 -15.65
CA LYS A 221 -13.24 22.36 -14.80
C LYS A 221 -11.90 22.18 -14.11
N ARG A 222 -11.56 20.95 -13.73
CA ARG A 222 -10.36 20.73 -12.95
C ARG A 222 -9.17 20.30 -13.80
N GLY A 223 -9.41 20.04 -15.07
CA GLY A 223 -8.33 19.79 -16.02
C GLY A 223 -7.73 18.38 -16.07
N SER A 224 -8.39 17.38 -15.49
CA SER A 224 -7.82 16.06 -15.44
C SER A 224 -8.04 15.40 -16.79
N ASP A 225 -7.35 14.28 -17.04
CA ASP A 225 -7.43 13.63 -18.32
C ASP A 225 -8.36 12.44 -18.41
N ILE A 226 -8.33 11.61 -17.35
CA ILE A 226 -9.03 10.33 -17.32
C ILE A 226 -9.84 10.21 -16.03
N ILE A 227 -11.06 9.68 -16.16
CA ILE A 227 -11.86 9.38 -14.98
C ILE A 227 -11.76 7.90 -14.65
N ILE A 228 -11.66 7.62 -13.38
CA ILE A 228 -11.66 6.24 -12.86
C ILE A 228 -13.01 5.99 -12.19
N VAL A 229 -13.78 5.06 -12.70
CA VAL A 229 -15.13 4.78 -12.23
C VAL A 229 -15.28 3.33 -11.88
N GLY A 230 -15.77 3.08 -10.67
CA GLY A 230 -16.01 1.74 -10.15
C GLY A 230 -17.51 1.50 -10.01
N ARG A 231 -18.02 1.71 -8.81
CA ARG A 231 -19.40 1.43 -8.50
C ARG A 231 -20.39 2.17 -9.39
N GLY A 232 -20.03 3.39 -9.83
CA GLY A 232 -20.88 4.12 -10.77
C GLY A 232 -21.29 3.29 -11.99
N ILE A 233 -20.41 2.38 -12.43
CA ILE A 233 -20.70 1.46 -13.51
C ILE A 233 -21.11 0.09 -13.00
N ILE A 234 -20.32 -0.50 -12.12
CA ILE A 234 -20.50 -1.88 -11.73
C ILE A 234 -21.81 -2.14 -11.01
N SER A 235 -22.26 -1.21 -10.19
CA SER A 235 -23.53 -1.36 -9.48
C SER A 235 -24.78 -1.04 -10.31
N ALA A 236 -24.59 -0.46 -11.51
CA ALA A 236 -25.75 -0.19 -12.40
C ALA A 236 -26.41 -1.47 -12.89
N ALA A 237 -27.68 -1.40 -13.21
CA ALA A 237 -28.39 -2.54 -13.78
C ALA A 237 -27.76 -2.88 -15.12
N ASP A 238 -27.52 -1.86 -15.96
CA ASP A 238 -27.01 -2.08 -17.31
C ASP A 238 -25.59 -1.52 -17.33
N ARG A 239 -24.60 -2.39 -17.19
CA ARG A 239 -23.23 -1.91 -17.11
C ARG A 239 -22.74 -1.39 -18.45
N LEU A 240 -23.25 -1.93 -19.55
CA LEU A 240 -22.82 -1.45 -20.88
CA LEU A 240 -22.89 -1.47 -20.91
C LEU A 240 -23.29 -0.02 -21.08
N GLU A 241 -24.54 0.27 -20.74
CA GLU A 241 -25.06 1.60 -20.91
C GLU A 241 -24.38 2.53 -19.92
N ALA A 242 -24.16 2.07 -18.69
CA ALA A 242 -23.52 2.94 -17.75
C ALA A 242 -22.10 3.34 -18.23
N ALA A 243 -21.33 2.37 -18.68
CA ALA A 243 -19.96 2.69 -19.16
C ALA A 243 -20.01 3.69 -20.32
N GLU A 244 -20.99 3.54 -21.21
CA GLU A 244 -21.17 4.48 -22.31
C GLU A 244 -21.56 5.88 -21.85
N MET A 245 -22.38 6.00 -20.81
CA MET A 245 -22.71 7.28 -20.24
C MET A 245 -21.47 7.97 -19.67
N TYR A 246 -20.61 7.21 -18.97
CA TYR A 246 -19.43 7.77 -18.39
C TYR A 246 -18.44 8.13 -19.49
N ARG A 247 -18.30 7.27 -20.50
CA ARG A 247 -17.37 7.56 -21.58
C ARG A 247 -17.77 8.85 -22.28
N LYS A 248 -19.04 8.95 -22.63
CA LYS A 248 -19.53 10.13 -23.38
C LYS A 248 -19.40 11.39 -22.54
N ALA A 249 -19.64 11.30 -21.24
CA ALA A 249 -19.47 12.43 -20.33
C ALA A 249 -18.03 12.90 -20.27
N ALA A 250 -17.10 11.94 -20.05
CA ALA A 250 -15.70 12.32 -19.96
C ALA A 250 -15.17 12.84 -21.32
N TRP A 251 -15.60 12.22 -22.42
CA TRP A 251 -15.09 12.58 -23.73
C TRP A 251 -15.57 13.97 -24.13
N GLU A 252 -16.84 14.28 -23.90
CA GLU A 252 -17.33 15.60 -24.27
CA GLU A 252 -17.36 15.61 -24.23
C GLU A 252 -16.73 16.69 -23.38
N ALA A 253 -16.49 16.39 -22.08
CA ALA A 253 -15.84 17.31 -21.18
C ALA A 253 -14.44 17.63 -21.70
N TYR A 254 -13.73 16.60 -22.17
CA TYR A 254 -12.40 16.81 -22.78
C TYR A 254 -12.50 17.65 -24.05
N LEU A 255 -13.41 17.32 -24.94
CA LEU A 255 -13.58 18.10 -26.16
C LEU A 255 -13.81 19.58 -25.89
N SER A 256 -14.60 19.90 -24.86
CA SER A 256 -14.95 21.30 -24.56
C SER A 256 -13.76 22.09 -24.06
N ARG A 257 -12.94 21.44 -23.26
CA ARG A 257 -11.76 22.08 -22.72
C ARG A 257 -10.79 22.37 -23.86
N LEU A 258 -10.80 21.50 -24.85
CA LEU A 258 -9.89 21.57 -25.99
C LEU A 258 -10.33 22.64 -26.99
N GLY A 259 -11.63 22.94 -27.03
CA GLY A 259 -12.16 24.02 -27.85
C GLY A 259 -12.08 23.72 -29.33
N MET B 3 6.65 9.43 33.87
CA MET B 3 7.12 8.16 34.50
C MET B 3 7.18 7.05 33.44
N GLU B 4 8.27 6.30 33.46
CA GLU B 4 8.52 5.20 32.52
C GLU B 4 8.01 3.88 33.13
N LEU B 5 7.00 3.27 32.51
CA LEU B 5 6.44 2.02 33.03
C LEU B 5 7.03 0.81 32.32
N SER B 6 7.13 -0.29 33.04
CA SER B 6 7.57 -1.54 32.47
C SER B 6 6.53 -2.05 31.48
N PHE B 7 6.96 -2.90 30.56
CA PHE B 7 6.05 -3.59 29.65
C PHE B 7 4.96 -4.36 30.41
N GLY B 8 5.35 -5.06 31.46
CA GLY B 8 4.40 -5.83 32.26
C GLY B 8 3.33 -4.96 32.90
N ALA B 9 3.71 -3.80 33.41
CA ALA B 9 2.74 -2.85 33.93
C ALA B 9 1.79 -2.33 32.87
N ARG B 10 2.36 -1.96 31.71
CA ARG B 10 1.55 -1.46 30.61
C ARG B 10 0.54 -2.51 30.14
N ALA B 11 0.89 -3.79 30.23
CA ALA B 11 -0.01 -4.89 29.84
C ALA B 11 -1.33 -4.88 30.65
N GLU B 12 -1.27 -4.19 31.80
CA GLU B 12 -2.43 -4.07 32.68
C GLU B 12 -3.13 -2.72 32.69
N LEU B 13 -2.72 -1.77 31.85
CA LEU B 13 -3.36 -0.45 31.78
C LEU B 13 -4.83 -0.56 31.44
N PRO B 14 -5.63 0.43 31.92
CA PRO B 14 -7.08 0.24 31.84
C PRO B 14 -7.58 0.29 30.40
N ARG B 15 -7.04 1.19 29.59
CA ARG B 15 -7.49 1.34 28.22
C ARG B 15 -6.76 0.41 27.22
N ILE B 16 -6.03 -0.60 27.70
CA ILE B 16 -5.13 -1.36 26.80
C ILE B 16 -5.93 -2.34 25.94
N HIS B 17 -5.57 -2.43 24.67
CA HIS B 17 -6.24 -3.38 23.77
C HIS B 17 -5.75 -4.78 24.12
N PRO B 18 -6.62 -5.79 24.04
CA PRO B 18 -6.19 -7.16 24.35
C PRO B 18 -4.96 -7.67 23.55
N VAL B 19 -4.86 -7.33 22.27
CA VAL B 19 -3.68 -7.74 21.48
C VAL B 19 -2.41 -7.08 22.01
N ALA B 20 -2.52 -5.80 22.38
CA ALA B 20 -1.39 -5.05 22.95
C ALA B 20 -0.99 -5.64 24.31
N SER B 21 -1.98 -5.96 25.14
CA SER B 21 -1.70 -6.64 26.39
C SER B 21 -1.00 -8.00 26.21
N LYS B 22 -1.48 -8.82 25.28
CA LYS B 22 -0.83 -10.09 25.00
C LYS B 22 0.65 -9.88 24.64
N LEU B 23 0.90 -8.90 23.79
CA LEU B 23 2.27 -8.61 23.32
C LEU B 23 3.16 -8.16 24.45
N LEU B 24 2.66 -7.21 25.24
CA LEU B 24 3.46 -6.66 26.31
C LEU B 24 3.78 -7.70 27.36
N ARG B 25 2.84 -8.59 27.64
CA ARG B 25 3.06 -9.69 28.57
C ARG B 25 4.14 -10.65 28.08
N LEU B 26 4.10 -11.04 26.79
CA LEU B 26 5.16 -11.94 26.31
C LEU B 26 6.55 -11.24 26.21
N MET B 27 6.56 -9.95 25.95
CA MET B 27 7.81 -9.15 25.96
C MET B 27 8.43 -9.23 27.33
N GLN B 28 7.61 -8.98 28.34
CA GLN B 28 8.08 -9.07 29.73
C GLN B 28 8.60 -10.44 30.08
N LYS B 29 7.80 -11.46 29.78
CA LYS B 29 8.16 -12.83 30.11
C LYS B 29 9.47 -13.31 29.47
N LYS B 30 9.63 -13.00 28.18
CA LYS B 30 10.75 -13.49 27.40
C LYS B 30 11.96 -12.57 27.36
N GLU B 31 11.84 -11.38 27.93
CA GLU B 31 12.85 -10.32 27.89
C GLU B 31 13.26 -10.05 26.43
N THR B 32 12.26 -9.77 25.63
CA THR B 32 12.49 -9.34 24.25
C THR B 32 11.57 -8.24 23.78
N ASN B 33 12.16 -7.22 23.13
CA ASN B 33 11.45 -6.17 22.42
C ASN B 33 11.97 -6.04 20.98
N LEU B 34 12.29 -7.21 20.42
CA LEU B 34 12.77 -7.36 19.03
C LEU B 34 11.65 -7.95 18.13
N CYS B 35 11.35 -7.23 17.04
CA CYS B 35 10.49 -7.75 15.96
C CYS B 35 11.38 -8.13 14.78
N LEU B 36 11.36 -9.40 14.41
CA LEU B 36 12.13 -9.86 13.25
C LEU B 36 11.39 -9.51 11.98
N SER B 37 12.04 -8.82 11.05
CA SER B 37 11.46 -8.55 9.77
C SER B 37 11.90 -9.66 8.83
N ALA B 38 11.01 -10.63 8.62
CA ALA B 38 11.35 -11.87 7.92
C ALA B 38 11.18 -11.71 6.43
N ASP B 39 12.06 -10.90 5.87
CA ASP B 39 11.98 -10.51 4.48
C ASP B 39 12.73 -11.53 3.63
N VAL B 40 12.00 -12.60 3.36
CA VAL B 40 12.49 -13.73 2.59
C VAL B 40 11.42 -14.14 1.61
N SER B 41 11.87 -14.82 0.56
CA SER B 41 10.94 -15.18 -0.52
C SER B 41 10.46 -16.63 -0.53
N LEU B 42 11.07 -17.47 0.30
CA LEU B 42 10.70 -18.88 0.41
C LEU B 42 10.06 -19.19 1.74
N ALA B 43 8.96 -19.93 1.70
CA ALA B 43 8.22 -20.32 2.87
C ALA B 43 9.07 -21.16 3.77
N ARG B 44 9.88 -22.05 3.22
CA ARG B 44 10.72 -22.90 4.06
CA ARG B 44 10.70 -22.90 4.09
C ARG B 44 11.67 -22.05 4.91
N GLU B 45 12.23 -21.00 4.32
CA GLU B 45 13.15 -20.14 5.06
C GLU B 45 12.38 -19.33 6.14
N LEU B 46 11.22 -18.80 5.77
CA LEU B 46 10.39 -18.05 6.74
C LEU B 46 10.12 -18.92 7.97
N LEU B 47 9.69 -20.15 7.76
CA LEU B 47 9.32 -21.05 8.84
C LEU B 47 10.55 -21.48 9.65
N GLN B 48 11.68 -21.71 8.99
CA GLN B 48 12.88 -22.09 9.72
C GLN B 48 13.39 -20.92 10.58
N LEU B 49 13.27 -19.70 10.06
CA LEU B 49 13.60 -18.52 10.86
C LEU B 49 12.64 -18.37 12.02
N ALA B 50 11.35 -18.53 11.76
CA ALA B 50 10.34 -18.39 12.81
C ALA B 50 10.56 -19.40 13.94
N ASP B 51 10.92 -20.63 13.59
CA ASP B 51 11.16 -21.66 14.60
C ASP B 51 12.43 -21.37 15.41
N ALA B 52 13.54 -21.10 14.73
CA ALA B 52 14.82 -20.91 15.36
C ALA B 52 14.91 -19.63 16.19
N LEU B 53 14.34 -18.57 15.63
CA LEU B 53 14.39 -17.25 16.26
C LEU B 53 13.20 -16.91 17.16
N GLY B 54 12.18 -17.74 17.11
CA GLY B 54 10.95 -17.57 17.88
C GLY B 54 11.18 -17.23 19.33
N PRO B 55 12.06 -17.97 20.01
CA PRO B 55 12.29 -17.62 21.43
C PRO B 55 12.92 -16.27 21.70
N SER B 56 13.57 -15.67 20.70
CA SER B 56 14.29 -14.42 20.86
C SER B 56 13.48 -13.18 20.52
N ILE B 57 12.28 -13.35 19.97
CA ILE B 57 11.51 -12.27 19.39
C ILE B 57 10.16 -12.13 20.04
N CYS B 58 9.65 -10.91 20.03
CA CYS B 58 8.27 -10.66 20.51
C CYS B 58 7.28 -10.68 19.34
N MET B 59 7.78 -10.56 18.10
CA MET B 59 6.92 -10.35 16.95
C MET B 59 7.68 -10.82 15.71
N LEU B 60 6.96 -11.37 14.75
CA LEU B 60 7.52 -11.67 13.43
C LEU B 60 6.71 -10.81 12.45
N LYS B 61 7.41 -9.96 11.70
CA LYS B 61 6.83 -9.13 10.67
C LYS B 61 7.03 -9.76 9.33
N THR B 62 5.93 -9.90 8.60
CA THR B 62 5.89 -10.54 7.29
C THR B 62 5.59 -9.53 6.19
N HIS B 63 6.07 -9.83 4.98
CA HIS B 63 5.55 -9.25 3.70
C HIS B 63 5.09 -10.45 2.88
N VAL B 64 3.85 -10.86 3.08
CA VAL B 64 3.33 -12.07 2.44
CA VAL B 64 3.40 -12.08 2.43
C VAL B 64 3.33 -11.96 0.91
N ASP B 65 3.28 -10.74 0.40
CA ASP B 65 3.26 -10.51 -1.02
C ASP B 65 4.61 -10.67 -1.70
N ILE B 66 5.67 -10.99 -0.94
CA ILE B 66 6.98 -11.33 -1.51
CA ILE B 66 6.96 -11.35 -1.56
C ILE B 66 7.26 -12.83 -1.42
N LEU B 67 6.37 -13.60 -0.77
CA LEU B 67 6.57 -15.06 -0.65
CA LEU B 67 6.57 -15.05 -0.63
C LEU B 67 6.18 -15.75 -1.94
N ASN B 68 7.15 -16.35 -2.62
CA ASN B 68 6.88 -16.95 -3.90
C ASN B 68 5.94 -18.13 -3.83
N ASP B 69 5.94 -18.81 -2.69
CA ASP B 69 5.17 -20.01 -2.47
C ASP B 69 4.21 -19.90 -1.27
N PHE B 70 3.64 -18.71 -1.10
CA PHE B 70 2.57 -18.52 -0.12
C PHE B 70 1.45 -19.52 -0.31
N THR B 71 0.98 -20.10 0.79
CA THR B 71 -0.31 -20.72 0.84
C THR B 71 -0.85 -20.46 2.22
N LEU B 72 -2.15 -20.70 2.43
CA LEU B 72 -2.72 -20.52 3.76
C LEU B 72 -2.21 -21.63 4.70
N ASP B 73 -1.75 -22.75 4.15
CA ASP B 73 -1.09 -23.80 4.95
C ASP B 73 0.25 -23.33 5.55
N VAL B 74 1.01 -22.54 4.80
CA VAL B 74 2.20 -21.94 5.35
C VAL B 74 1.83 -21.06 6.56
N MET B 75 0.77 -20.27 6.43
CA MET B 75 0.38 -19.39 7.52
CA MET B 75 0.33 -19.39 7.53
C MET B 75 -0.13 -20.20 8.72
N LYS B 76 -0.75 -21.35 8.45
CA LYS B 76 -1.18 -22.25 9.53
C LYS B 76 0.04 -22.70 10.35
N GLU B 77 1.10 -23.06 9.66
CA GLU B 77 2.32 -23.50 10.32
CA GLU B 77 2.33 -23.51 10.30
C GLU B 77 2.99 -22.34 11.04
N LEU B 78 2.94 -21.14 10.45
CA LEU B 78 3.47 -19.96 11.16
C LEU B 78 2.70 -19.71 12.43
N ILE B 79 1.38 -19.83 12.40
CA ILE B 79 0.57 -19.62 13.60
C ILE B 79 0.94 -20.63 14.68
N THR B 80 1.15 -21.87 14.28
CA THR B 80 1.58 -22.90 15.21
C THR B 80 2.89 -22.54 15.91
N LEU B 81 3.86 -22.00 15.16
CA LEU B 81 5.13 -21.60 15.72
C LEU B 81 4.96 -20.37 16.63
N ALA B 82 4.08 -19.44 16.21
CA ALA B 82 3.82 -18.25 17.01
C ALA B 82 3.23 -18.60 18.41
N LYS B 83 2.31 -19.54 18.42
CA LYS B 83 1.73 -20.06 19.66
C LYS B 83 2.76 -20.83 20.47
N CYS B 84 3.58 -21.63 19.80
CA CYS B 84 4.59 -22.47 20.47
C CYS B 84 5.61 -21.59 21.16
N HIS B 85 6.17 -20.65 20.41
CA HIS B 85 7.26 -19.82 20.90
C HIS B 85 6.80 -18.53 21.52
N GLU B 86 5.52 -18.20 21.40
CA GLU B 86 4.95 -16.98 21.97
C GLU B 86 5.46 -15.72 21.29
N PHE B 87 4.99 -15.48 20.09
CA PHE B 87 5.19 -14.18 19.44
C PHE B 87 3.98 -13.82 18.63
N LEU B 88 3.81 -12.53 18.30
CA LEU B 88 2.72 -12.10 17.45
C LEU B 88 3.15 -12.04 16.00
N ILE B 89 2.18 -12.16 15.10
CA ILE B 89 2.42 -12.05 13.68
C ILE B 89 1.91 -10.71 13.20
N PHE B 90 2.80 -9.93 12.54
CA PHE B 90 2.50 -8.60 12.05
C PHE B 90 2.70 -8.62 10.53
N GLU B 91 1.62 -8.48 9.77
CA GLU B 91 1.73 -8.30 8.32
C GLU B 91 1.89 -6.82 7.98
N ASP B 92 3.02 -6.50 7.34
CA ASP B 92 3.42 -5.12 7.03
C ASP B 92 2.82 -4.77 5.65
N ARG B 93 1.51 -4.72 5.58
CA ARG B 93 0.80 -4.51 4.33
C ARG B 93 0.70 -3.03 3.99
N LYS B 94 0.86 -2.15 4.98
CA LYS B 94 0.75 -0.73 4.75
C LYS B 94 -0.49 -0.38 3.90
N PHE B 95 -1.66 -0.76 4.43
CA PHE B 95 -2.92 -0.39 3.79
C PHE B 95 -2.97 1.12 3.60
N ALA B 96 -3.43 1.57 2.44
CA ALA B 96 -3.30 2.98 2.11
C ALA B 96 -4.31 3.41 1.05
N ASP B 97 -5.51 2.84 1.10
CA ASP B 97 -6.54 3.10 0.11
C ASP B 97 -7.75 3.57 0.87
N ILE B 98 -8.80 3.90 0.13
CA ILE B 98 -10.08 4.26 0.72
C ILE B 98 -10.61 3.06 1.53
N GLY B 99 -11.46 3.36 2.49
CA GLY B 99 -12.01 2.35 3.36
C GLY B 99 -12.72 1.18 2.72
N ASN B 100 -13.54 1.44 1.71
CA ASN B 100 -14.25 0.37 1.03
C ASN B 100 -13.29 -0.66 0.38
N THR B 101 -12.13 -0.19 -0.07
CA THR B 101 -11.16 -1.08 -0.68
C THR B 101 -10.34 -1.87 0.36
N VAL B 102 -9.87 -1.19 1.38
CA VAL B 102 -8.95 -1.81 2.31
C VAL B 102 -9.66 -2.93 3.07
N LYS B 103 -10.97 -2.78 3.29
CA LYS B 103 -11.67 -3.82 4.02
CA LYS B 103 -11.77 -3.80 3.96
C LYS B 103 -11.60 -5.15 3.23
N LYS B 104 -11.68 -5.08 1.90
CA LYS B 104 -11.58 -6.29 1.07
C LYS B 104 -10.15 -6.85 1.00
N GLN B 105 -9.19 -5.92 0.91
CA GLN B 105 -7.78 -6.26 0.90
C GLN B 105 -7.31 -6.92 2.18
N TYR B 106 -7.97 -6.60 3.28
CA TYR B 106 -7.65 -7.18 4.58
C TYR B 106 -8.32 -8.52 4.82
N GLU B 107 -9.56 -8.63 4.40
CA GLU B 107 -10.36 -9.83 4.66
C GLU B 107 -10.11 -10.89 3.61
N GLY B 108 -9.95 -10.46 2.36
CA GLY B 108 -10.14 -11.34 1.22
C GLY B 108 -8.95 -11.67 0.35
N GLY B 109 -9.24 -11.96 -0.93
CA GLY B 109 -8.21 -12.32 -1.86
C GLY B 109 -7.56 -13.64 -1.50
N ILE B 110 -6.37 -13.87 -2.05
CA ILE B 110 -5.64 -15.09 -1.79
C ILE B 110 -5.06 -15.10 -0.40
N PHE B 111 -4.65 -13.93 0.12
CA PHE B 111 -3.92 -13.91 1.39
C PHE B 111 -4.78 -14.01 2.65
N LYS B 112 -6.01 -13.52 2.59
CA LYS B 112 -6.92 -13.54 3.74
C LYS B 112 -6.18 -13.08 5.00
N ILE B 113 -5.55 -11.91 4.87
CA ILE B 113 -4.65 -11.43 5.91
C ILE B 113 -5.27 -11.40 7.34
N ALA B 114 -6.51 -10.96 7.47
CA ALA B 114 -7.15 -10.91 8.78
C ALA B 114 -7.24 -12.26 9.47
N SER B 115 -7.25 -13.33 8.69
CA SER B 115 -7.38 -14.64 9.27
C SER B 115 -6.16 -15.16 10.04
N TRP B 116 -4.97 -14.56 9.81
CA TRP B 116 -3.76 -15.04 10.45
C TRP B 116 -2.87 -13.94 11.08
N ALA B 117 -3.08 -12.69 10.72
CA ALA B 117 -2.22 -11.61 11.24
C ALA B 117 -2.81 -11.03 12.50
N ASP B 118 -2.07 -11.04 13.60
CA ASP B 118 -2.51 -10.35 14.81
C ASP B 118 -2.56 -8.85 14.60
N LEU B 119 -1.58 -8.31 13.88
CA LEU B 119 -1.39 -6.87 13.69
C LEU B 119 -1.19 -6.64 12.19
N VAL B 120 -1.71 -5.52 11.72
CA VAL B 120 -1.39 -4.94 10.44
C VAL B 120 -1.07 -3.45 10.64
N ASN B 121 -0.60 -2.83 9.59
CA ASN B 121 -0.35 -1.37 9.65
C ASN B 121 -1.04 -0.66 8.50
N ALA B 122 -1.20 0.65 8.64
CA ALA B 122 -1.86 1.46 7.65
C ALA B 122 -1.18 2.80 7.58
N HIS B 123 -1.15 3.38 6.39
CA HIS B 123 -0.77 4.76 6.19
C HIS B 123 -2.01 5.61 6.46
N VAL B 124 -1.77 6.81 6.99
CA VAL B 124 -2.85 7.74 7.35
C VAL B 124 -3.19 8.71 6.25
N VAL B 125 -2.41 8.77 5.18
CA VAL B 125 -2.67 9.68 4.06
C VAL B 125 -4.12 9.64 3.47
N PRO B 126 -4.85 8.50 3.43
CA PRO B 126 -6.22 8.55 2.91
C PRO B 126 -7.25 9.20 3.83
N GLY B 127 -6.85 9.50 5.06
CA GLY B 127 -7.81 9.96 6.06
C GLY B 127 -8.35 8.75 6.82
N SER B 128 -9.23 8.99 7.81
CA SER B 128 -9.57 7.94 8.78
C SER B 128 -10.42 6.80 8.24
N GLY B 129 -10.98 6.98 7.03
CA GLY B 129 -11.65 5.86 6.35
C GLY B 129 -10.80 4.62 6.27
N VAL B 130 -9.48 4.79 6.12
CA VAL B 130 -8.59 3.61 6.07
C VAL B 130 -8.71 2.77 7.34
N VAL B 131 -8.79 3.43 8.50
CA VAL B 131 -8.90 2.72 9.77
C VAL B 131 -10.32 2.18 9.94
N LYS B 132 -11.32 2.96 9.56
CA LYS B 132 -12.70 2.49 9.64
C LYS B 132 -12.94 1.25 8.85
N GLY B 133 -12.39 1.20 7.64
CA GLY B 133 -12.52 0.01 6.77
C GLY B 133 -11.88 -1.21 7.39
N LEU B 134 -10.67 -1.06 7.91
CA LEU B 134 -9.97 -2.20 8.52
C LEU B 134 -10.66 -2.67 9.80
N GLN B 135 -11.16 -1.70 10.56
CA GLN B 135 -11.86 -1.97 11.83
CA GLN B 135 -11.81 -2.02 11.83
C GLN B 135 -13.08 -2.88 11.63
N GLU B 136 -13.81 -2.67 10.52
CA GLU B 136 -15.03 -3.51 10.23
C GLU B 136 -14.72 -4.99 10.22
N VAL B 137 -13.52 -5.33 9.74
CA VAL B 137 -13.04 -6.67 9.68
C VAL B 137 -12.32 -7.09 10.99
N GLY B 138 -11.42 -6.25 11.48
CA GLY B 138 -10.51 -6.67 12.54
C GLY B 138 -11.03 -6.60 13.96
N LEU B 139 -12.02 -5.77 14.21
CA LEU B 139 -12.51 -5.61 15.57
C LEU B 139 -13.01 -6.91 16.21
N PRO B 140 -13.97 -7.62 15.56
CA PRO B 140 -14.42 -8.86 16.18
C PRO B 140 -13.39 -9.98 16.27
N LEU B 141 -12.40 -9.98 15.39
CA LEU B 141 -11.27 -10.92 15.44
C LEU B 141 -10.20 -10.60 16.51
N HIS B 142 -10.39 -9.51 17.26
CA HIS B 142 -9.44 -9.08 18.30
C HIS B 142 -8.10 -8.74 17.68
N ARG B 143 -8.13 -8.22 16.46
CA ARG B 143 -6.90 -7.75 15.82
C ARG B 143 -6.63 -6.34 16.19
N GLY B 144 -5.40 -5.91 15.94
CA GLY B 144 -5.04 -4.52 16.12
C GLY B 144 -4.33 -3.97 14.88
N CYS B 145 -4.31 -2.65 14.82
CA CYS B 145 -3.64 -1.92 13.76
C CYS B 145 -2.61 -0.93 14.28
N LEU B 146 -1.51 -0.75 13.54
CA LEU B 146 -0.50 0.26 13.82
C LEU B 146 -0.59 1.31 12.73
N LEU B 147 -0.51 2.60 13.10
CA LEU B 147 -0.52 3.67 12.10
C LEU B 147 0.88 4.17 11.84
N ILE B 148 1.18 4.43 10.57
CA ILE B 148 2.55 4.81 10.17
C ILE B 148 2.64 6.32 10.37
N ALA B 149 3.20 6.72 11.51
CA ALA B 149 3.35 8.16 11.87
C ALA B 149 4.63 8.81 11.37
N GLU B 150 5.71 8.03 11.24
CA GLU B 150 6.97 8.43 10.65
C GLU B 150 7.53 7.24 9.86
N MET B 151 8.40 7.54 8.89
CA MET B 151 9.12 6.51 8.16
C MET B 151 10.63 6.70 8.25
N SER B 152 11.36 5.60 8.02
CA SER B 152 12.80 5.58 8.20
C SER B 152 13.56 6.07 6.97
N SER B 153 12.90 6.27 5.84
CA SER B 153 13.56 6.44 4.57
C SER B 153 13.80 7.92 4.24
N THR B 154 14.86 8.16 3.46
CA THR B 154 15.26 9.51 3.09
CA THR B 154 15.26 9.51 3.09
C THR B 154 14.18 10.19 2.26
N GLY B 155 13.83 11.41 2.63
CA GLY B 155 12.79 12.11 1.91
C GLY B 155 11.37 11.83 2.40
N SER B 156 11.24 11.09 3.50
CA SER B 156 9.93 10.78 4.03
C SER B 156 9.11 12.02 4.28
N LEU B 157 7.85 11.99 3.86
CA LEU B 157 6.91 13.10 4.04
C LEU B 157 6.09 12.95 5.33
N ALA B 158 6.35 11.89 6.10
CA ALA B 158 5.62 11.62 7.31
C ALA B 158 6.27 12.38 8.45
N THR B 159 6.07 13.68 8.42
CA THR B 159 6.67 14.59 9.36
C THR B 159 5.67 15.67 9.77
N GLY B 160 6.02 16.44 10.80
CA GLY B 160 5.19 17.60 11.15
C GLY B 160 3.72 17.31 11.39
N ASP B 161 2.88 18.07 10.69
CA ASP B 161 1.43 17.98 10.84
C ASP B 161 0.94 16.59 10.40
N TYR B 162 1.68 15.95 9.49
CA TYR B 162 1.32 14.58 9.07
C TYR B 162 1.39 13.61 10.26
N THR B 163 2.51 13.64 10.98
CA THR B 163 2.70 12.84 12.18
C THR B 163 1.64 13.17 13.22
N ARG B 164 1.36 14.46 13.44
CA ARG B 164 0.33 14.84 14.38
C ARG B 164 -1.04 14.30 14.00
N ALA B 165 -1.34 14.28 12.70
CA ALA B 165 -2.59 13.68 12.21
C ALA B 165 -2.65 12.19 12.54
N ALA B 166 -1.55 11.48 12.34
CA ALA B 166 -1.51 10.06 12.69
C ALA B 166 -1.83 9.80 14.17
N VAL B 167 -1.23 10.59 15.04
CA VAL B 167 -1.48 10.45 16.47
C VAL B 167 -2.95 10.72 16.82
N ARG B 168 -3.52 11.82 16.28
CA ARG B 168 -4.95 12.11 16.49
C ARG B 168 -5.84 10.98 16.05
N MET B 169 -5.54 10.43 14.88
CA MET B 169 -6.34 9.35 14.35
C MET B 169 -6.29 8.10 15.26
N ALA B 170 -5.11 7.81 15.78
CA ALA B 170 -4.93 6.70 16.73
C ALA B 170 -5.77 6.92 17.98
N GLU B 171 -5.69 8.14 18.51
CA GLU B 171 -6.45 8.48 19.73
C GLU B 171 -7.92 8.37 19.51
N GLU B 172 -8.40 8.74 18.32
CA GLU B 172 -9.83 8.69 18.00
C GLU B 172 -10.34 7.28 17.68
N HIS B 173 -9.43 6.33 17.42
CA HIS B 173 -9.78 4.95 17.07
C HIS B 173 -9.07 3.91 17.92
N SER B 174 -9.02 4.16 19.21
CA SER B 174 -8.27 3.31 20.13
C SER B 174 -8.88 1.94 20.44
N GLU B 175 -10.11 1.69 20.00
CA GLU B 175 -10.71 0.34 20.04
CA GLU B 175 -10.70 0.34 20.06
C GLU B 175 -10.00 -0.65 19.10
N PHE B 176 -9.25 -0.12 18.13
CA PHE B 176 -8.60 -0.96 17.10
C PHE B 176 -7.13 -0.58 16.86
N VAL B 177 -6.82 0.70 16.90
CA VAL B 177 -5.44 1.19 16.70
C VAL B 177 -4.69 1.03 18.01
N VAL B 178 -3.59 0.26 17.98
CA VAL B 178 -2.83 -0.09 19.18
C VAL B 178 -1.44 0.55 19.28
N GLY B 179 -1.09 1.35 18.27
CA GLY B 179 0.15 2.06 18.29
C GLY B 179 0.64 2.49 16.93
N PHE B 180 1.94 2.70 16.84
CA PHE B 180 2.55 3.40 15.71
C PHE B 180 3.80 2.73 15.17
N ILE B 181 4.03 2.92 13.87
CA ILE B 181 5.34 2.75 13.26
C ILE B 181 5.92 4.17 13.28
N SER B 182 7.04 4.34 13.95
CA SER B 182 7.63 5.68 14.06
C SER B 182 9.09 5.53 14.37
N GLY B 183 9.84 6.63 14.29
CA GLY B 183 11.25 6.60 14.58
C GLY B 183 11.53 6.97 16.03
N SER B 184 10.51 7.46 16.73
CA SER B 184 10.64 7.81 18.11
C SER B 184 9.28 7.82 18.77
N ARG B 185 9.26 8.01 20.08
CA ARG B 185 7.99 8.20 20.78
C ARG B 185 7.21 9.36 20.16
N VAL B 186 5.96 9.14 19.73
CA VAL B 186 5.12 10.22 19.22
C VAL B 186 3.87 10.55 20.05
N SER B 187 3.53 9.68 20.98
CA SER B 187 2.41 9.85 21.89
C SER B 187 2.91 9.56 23.27
N MET B 188 2.41 10.29 24.26
CA MET B 188 2.78 10.04 25.64
C MET B 188 1.82 9.08 26.31
N LYS B 189 0.79 8.63 25.61
CA LYS B 189 -0.18 7.67 26.15
C LYS B 189 0.45 6.28 26.20
N PRO B 190 0.60 5.69 27.41
CA PRO B 190 1.38 4.44 27.48
C PRO B 190 0.65 3.21 27.00
N GLU B 191 -0.63 3.35 26.64
CA GLU B 191 -1.40 2.27 26.07
C GLU B 191 -0.97 2.02 24.64
N PHE B 192 -0.30 3.00 24.02
CA PHE B 192 0.15 2.86 22.61
C PHE B 192 1.56 2.27 22.51
N LEU B 193 1.73 1.31 21.59
CA LEU B 193 3.03 0.75 21.28
C LEU B 193 3.74 1.65 20.25
N HIS B 194 5.06 1.72 20.33
CA HIS B 194 5.88 2.35 19.30
C HIS B 194 6.88 1.32 18.77
N LEU B 195 6.79 1.06 17.47
CA LEU B 195 7.67 0.13 16.79
C LEU B 195 8.50 0.92 15.80
N THR B 196 9.80 0.64 15.77
CA THR B 196 10.71 1.45 14.99
C THR B 196 11.55 0.60 14.06
N PRO B 197 11.34 0.77 12.72
CA PRO B 197 12.18 0.15 11.70
C PRO B 197 13.37 1.06 11.36
N GLY B 198 14.22 0.60 10.47
CA GLY B 198 15.50 1.28 10.19
C GLY B 198 16.47 1.18 11.32
N VAL B 199 16.69 -0.06 11.78
CA VAL B 199 17.55 -0.33 12.91
C VAL B 199 18.65 -1.31 12.49
N GLN B 200 19.90 -0.92 12.73
CA GLN B 200 21.04 -1.83 12.67
C GLN B 200 22.05 -1.39 13.74
N LEU B 201 22.91 -2.30 14.13
CA LEU B 201 23.92 -2.04 15.12
C LEU B 201 24.90 -1.00 14.53
N GLU B 202 25.21 -1.16 13.25
CA GLU B 202 26.17 -0.35 12.48
C GLU B 202 25.47 0.85 11.89
N ALA B 203 26.22 1.89 11.58
CA ALA B 203 25.66 3.07 10.95
C ALA B 203 25.54 2.80 9.46
N GLY B 204 24.60 3.51 8.84
CA GLY B 204 24.57 3.60 7.42
C GLY B 204 23.16 3.63 6.92
N GLY B 205 23.02 3.02 5.77
CA GLY B 205 21.76 2.91 5.06
C GLY B 205 21.94 1.92 3.96
N ASP B 206 21.01 1.89 3.02
CA ASP B 206 21.16 1.08 1.82
C ASP B 206 21.21 2.02 0.62
N ASN B 207 21.18 1.46 -0.59
CA ASN B 207 21.29 2.31 -1.78
C ASN B 207 19.96 2.83 -2.30
N LEU B 208 18.86 2.54 -1.58
CA LEU B 208 17.51 2.92 -1.99
C LEU B 208 16.76 3.63 -0.89
N GLY B 209 17.47 4.45 -0.12
CA GLY B 209 16.84 5.38 0.81
C GLY B 209 16.65 4.93 2.24
N GLN B 210 16.97 3.68 2.57
CA GLN B 210 16.82 3.23 3.95
C GLN B 210 17.91 3.91 4.78
N GLN B 211 17.56 4.34 5.97
CA GLN B 211 18.50 4.88 6.97
C GLN B 211 18.44 4.06 8.27
N TYR B 212 19.61 3.86 8.90
CA TYR B 212 19.70 3.05 10.10
C TYR B 212 20.14 3.88 11.30
N ASN B 213 19.54 3.55 12.44
CA ASN B 213 19.95 3.99 13.76
C ASN B 213 20.11 2.76 14.67
N SER B 214 20.92 2.87 15.70
CA SER B 214 21.18 1.77 16.64
C SER B 214 20.00 1.51 17.58
N PRO B 215 19.90 0.29 18.12
CA PRO B 215 18.92 -0.03 19.17
C PRO B 215 19.00 0.95 20.36
N GLN B 216 20.21 1.24 20.82
CA GLN B 216 20.40 2.16 21.94
C GLN B 216 19.80 3.54 21.68
N GLU B 217 20.04 4.07 20.48
CA GLU B 217 19.47 5.35 20.09
C GLU B 217 17.93 5.32 20.04
N VAL B 218 17.41 4.28 19.42
CA VAL B 218 15.98 4.27 19.15
C VAL B 218 15.14 3.94 20.39
N ILE B 219 15.59 2.96 21.18
CA ILE B 219 14.87 2.52 22.36
C ILE B 219 15.29 3.47 23.52
N GLY B 220 16.60 3.69 23.65
CA GLY B 220 17.13 4.45 24.81
C GLY B 220 16.85 5.93 24.76
N LYS B 221 17.31 6.59 23.70
CA LYS B 221 17.21 8.05 23.57
C LYS B 221 15.86 8.52 23.00
N ARG B 222 15.31 7.78 22.03
CA ARG B 222 14.11 8.24 21.31
C ARG B 222 12.79 7.69 21.88
N GLY B 223 12.91 6.79 22.86
CA GLY B 223 11.79 6.31 23.61
C GLY B 223 10.89 5.29 22.94
N SER B 224 11.35 4.66 21.86
CA SER B 224 10.50 3.62 21.21
C SER B 224 10.46 2.35 22.02
N ASP B 225 9.51 1.45 21.70
CA ASP B 225 9.32 0.24 22.49
C ASP B 225 10.00 -0.99 21.90
N ILE B 226 9.90 -1.12 20.58
CA ILE B 226 10.27 -2.32 19.87
C ILE B 226 11.10 -1.93 18.64
N ILE B 227 12.17 -2.66 18.39
CA ILE B 227 12.95 -2.50 17.18
C ILE B 227 12.49 -3.51 16.13
N ILE B 228 12.39 -3.03 14.91
CA ILE B 228 12.11 -3.91 13.75
C ILE B 228 13.41 -4.03 12.97
N VAL B 229 13.88 -5.28 12.82
CA VAL B 229 15.21 -5.51 12.22
C VAL B 229 15.05 -6.57 11.13
N GLY B 230 15.47 -6.19 9.92
CA GLY B 230 15.48 -7.10 8.79
C GLY B 230 16.90 -7.56 8.48
N ARG B 231 17.49 -6.91 7.49
CA ARG B 231 18.82 -7.27 7.00
C ARG B 231 19.91 -7.37 8.08
N GLY B 232 19.84 -6.52 9.12
CA GLY B 232 20.80 -6.68 10.22
C GLY B 232 20.86 -8.10 10.78
N ILE B 233 19.74 -8.84 10.73
CA ILE B 233 19.70 -10.22 11.14
C ILE B 233 19.75 -11.15 9.95
N ILE B 234 18.87 -10.94 8.96
CA ILE B 234 18.66 -11.92 7.89
C ILE B 234 19.92 -12.11 7.03
N SER B 235 20.74 -11.06 6.89
CA SER B 235 21.97 -11.16 6.09
C SER B 235 23.12 -11.80 6.85
N ALA B 236 22.94 -12.09 8.14
CA ALA B 236 24.04 -12.69 8.93
C ALA B 236 24.23 -14.13 8.52
N ALA B 237 25.44 -14.68 8.67
CA ALA B 237 25.61 -16.12 8.51
C ALA B 237 24.76 -16.90 9.50
N ASP B 238 24.87 -16.53 10.78
CA ASP B 238 24.11 -17.17 11.85
C ASP B 238 23.03 -16.21 12.30
N ARG B 239 21.80 -16.43 11.82
CA ARG B 239 20.71 -15.52 12.12
C ARG B 239 20.28 -15.56 13.60
N LEU B 240 20.47 -16.70 14.26
CA LEU B 240 20.13 -16.82 15.67
C LEU B 240 21.04 -15.97 16.54
N GLU B 241 22.36 -16.08 16.32
CA GLU B 241 23.34 -15.24 17.02
C GLU B 241 23.04 -13.77 16.79
N ALA B 242 22.75 -13.37 15.55
CA ALA B 242 22.41 -11.96 15.24
C ALA B 242 21.16 -11.50 16.01
N ALA B 243 20.11 -12.31 15.99
CA ALA B 243 18.90 -12.00 16.70
C ALA B 243 19.14 -11.80 18.21
N GLU B 244 20.00 -12.65 18.77
CA GLU B 244 20.31 -12.56 20.20
C GLU B 244 21.05 -11.28 20.48
N MET B 245 21.95 -10.87 19.59
CA MET B 245 22.64 -9.60 19.78
CA MET B 245 22.65 -9.59 19.75
C MET B 245 21.68 -8.41 19.76
N TYR B 246 20.75 -8.39 18.80
CA TYR B 246 19.76 -7.33 18.71
C TYR B 246 18.81 -7.38 19.90
N ARG B 247 18.42 -8.58 20.36
CA ARG B 247 17.50 -8.68 21.50
C ARG B 247 18.15 -8.06 22.75
N LYS B 248 19.39 -8.46 23.00
CA LYS B 248 20.09 -7.92 24.17
C LYS B 248 20.30 -6.41 24.08
N ALA B 249 20.63 -5.89 22.91
CA ALA B 249 20.81 -4.45 22.73
C ALA B 249 19.53 -3.70 23.02
N ALA B 250 18.43 -4.19 22.45
CA ALA B 250 17.15 -3.52 22.60
C ALA B 250 16.64 -3.61 24.05
N TRP B 251 16.80 -4.78 24.66
CA TRP B 251 16.26 -5.02 26.01
C TRP B 251 17.03 -4.16 27.05
N GLU B 252 18.34 -4.22 26.97
CA GLU B 252 19.16 -3.44 27.92
C GLU B 252 18.95 -1.94 27.75
N ALA B 253 18.76 -1.47 26.51
CA ALA B 253 18.38 -0.07 26.28
C ALA B 253 17.05 0.29 26.93
N TYR B 254 16.08 -0.61 26.86
CA TYR B 254 14.81 -0.40 27.53
C TYR B 254 14.99 -0.39 29.06
N LEU B 255 15.81 -1.28 29.58
CA LEU B 255 16.02 -1.33 31.05
C LEU B 255 16.64 -0.02 31.53
N SER B 256 17.57 0.51 30.74
CA SER B 256 18.21 1.79 31.02
C SER B 256 17.25 2.98 31.12
N ARG B 257 16.29 3.14 30.21
CA ARG B 257 15.37 4.27 30.38
C ARG B 257 14.35 4.05 31.50
N LEU B 258 14.14 2.80 31.89
CA LEU B 258 13.25 2.49 33.02
C LEU B 258 13.84 3.09 34.31
N GLY B 259 15.16 3.02 34.44
CA GLY B 259 15.86 3.52 35.63
C GLY B 259 16.42 2.40 36.47
O3P 6CN C . -15.73 4.58 -8.06
P 6CN C . -15.62 3.76 -6.77
O1P 6CN C . -16.33 2.44 -6.68
O2P 6CN C . -15.52 4.53 -5.51
O5' 6CN C . -14.07 3.26 -6.91
C5' 6CN C . -12.86 4.00 -6.52
C4' 6CN C . -11.69 3.11 -6.95
C3' 6CN C . -11.36 2.10 -5.84
O3' 6CN C . -10.82 0.92 -6.49
C2' 6CN C . -10.31 2.79 -5.02
O2' 6CN C . -9.46 1.87 -4.27
O4' 6CN C . -10.49 3.91 -7.12
C1' 6CN C . -9.57 3.73 -5.98
N1 6CN C . -9.11 5.05 -5.41
C6 6CN C . -7.82 5.28 -5.43
C5 6CN C . -7.40 6.39 -4.81
C4 6CN C . -8.22 7.45 -4.54
O4 6CN C . -7.76 8.54 -4.15
N3 6CN C . -9.52 7.23 -4.55
C2 6CN C . -10.00 6.06 -4.97
O2 6CN C . -11.24 5.93 -4.95
C7 6CN C . -7.41 5.17 -6.78
N8 6CN C . -7.09 5.08 -7.89
C1 GOL D . -2.52 -3.77 -24.62
O1 GOL D . -3.06 -2.48 -24.77
C2 GOL D . -1.92 -3.90 -23.23
O2 GOL D . -0.88 -2.95 -23.05
C3 GOL D . -1.36 -5.31 -23.04
O3 GOL D . -0.35 -5.54 -23.99
O3P 6CN E . 16.05 -3.68 8.47
P 6CN E . 15.77 -3.64 6.98
O1P 6CN E . 16.23 -4.83 6.16
O2P 6CN E . 16.00 -2.37 6.26
O5' 6CN E . 14.17 -3.83 7.00
C5' 6CN E . 13.17 -2.80 7.18
C4' 6CN E . 11.84 -3.54 7.20
C3' 6CN E . 11.40 -3.78 5.77
O3' 6CN E . 10.55 -4.97 5.63
C2' 6CN E . 10.64 -2.51 5.41
O2' 6CN E . 9.70 -2.74 4.40
O4' 6CN E . 10.88 -2.65 7.80
C1' 6CN E . 10.04 -2.05 6.77
N1 6CN E . 9.83 -0.59 6.92
C6 6CN E . 8.59 -0.14 7.17
C5 6CN E . 8.45 1.19 7.25
C4 6CN E . 9.50 2.05 7.45
O4 6CN E . 9.30 3.27 7.72
N3 6CN E . 10.73 1.59 7.35
C2 6CN E . 10.95 0.27 7.09
O2 6CN E . 12.09 -0.17 6.99
C7 6CN E . 8.17 -0.79 8.33
N8 6CN E . 7.82 -1.33 9.28
#